data_8IE6
#
_entry.id   8IE6
#
_cell.length_a   46.719
_cell.length_b   62.233
_cell.length_c   88.418
_cell.angle_alpha   90.00
_cell.angle_beta   90.00
_cell.angle_gamma   90.00
#
_symmetry.space_group_name_H-M   'P 21 21 21'
#
loop_
_entity.id
_entity.type
_entity.pdbx_description
1 polymer 'Death-associated protein kinase 1'
2 non-polymer 3-[(E)-2-(4-hydroxyphenyl)ethenyl]-5-methoxy-phenol
3 non-polymer 'SULFATE ION'
4 water water
#
_entity_poly.entity_id   1
_entity_poly.type   'polypeptide(L)'
_entity_poly.pdbx_seq_one_letter_code
;MTVFRQENVDDYYDTGEELGSGQFAVVKKCREKSTGLQYAAKFIKKRRTKSSRRGVSREDIEREVSILKEIQHPNVITLH
EVYENKTDVILILELVAGGELFDFLAEKESLTEEEATEFLKQILNGVYYLHSLQIAHFDLKPENIMLLDRNVPKPRIKII
DFGLAHKIDFGNEFKNIFGTPEFVAPEIVNYEPLGLEADMWSIGVITYILLSGASPFLGDTKQETLANVSAVNYEFEDEY
FSNTSALAKDFIRRLLVKDPKKRMTIQDSLQHPWIKPKDTQQALSLEHHHHHH
;
_entity_poly.pdbx_strand_id   A
#
loop_
_chem_comp.id
_chem_comp.type
_chem_comp.name
_chem_comp.formula
8KZ non-polymer 3-[(E)-2-(4-hydroxyphenyl)ethenyl]-5-methoxy-phenol 'C15 H14 O3'
SO4 non-polymer 'SULFATE ION' 'O4 S -2'
#
# COMPACT_ATOMS: atom_id res chain seq x y z
N THR A 2 6.60 -23.47 -5.61
CA THR A 2 6.40 -23.72 -4.18
C THR A 2 4.96 -24.09 -3.91
N VAL A 3 4.74 -25.19 -3.21
CA VAL A 3 3.39 -25.66 -2.94
C VAL A 3 2.96 -25.24 -1.54
N PHE A 4 1.66 -25.13 -1.35
CA PHE A 4 1.08 -24.68 -0.10
C PHE A 4 0.20 -25.78 0.48
N ARG A 5 -0.32 -25.55 1.69
CA ARG A 5 -1.11 -26.54 2.39
C ARG A 5 -2.40 -26.86 1.63
N GLN A 6 -2.63 -28.14 1.36
CA GLN A 6 -3.77 -28.51 0.52
C GLN A 6 -4.93 -29.14 1.28
N GLU A 7 -4.88 -29.16 2.60
CA GLU A 7 -6.08 -29.47 3.37
C GLU A 7 -7.12 -28.35 3.24
N ASN A 8 -8.39 -28.72 3.41
CA ASN A 8 -9.46 -27.74 3.27
C ASN A 8 -9.34 -26.70 4.36
N VAL A 9 -9.31 -25.42 3.97
CA VAL A 9 -9.14 -24.36 4.97
C VAL A 9 -10.29 -24.37 5.96
N ASP A 10 -11.49 -24.77 5.51
CA ASP A 10 -12.66 -24.82 6.36
C ASP A 10 -12.56 -25.86 7.47
N ASP A 11 -11.60 -26.78 7.39
CA ASP A 11 -11.41 -27.72 8.48
C ASP A 11 -10.64 -27.11 9.63
N TYR A 12 -9.98 -25.98 9.40
CA TYR A 12 -9.11 -25.36 10.39
C TYR A 12 -9.52 -23.96 10.76
N TYR A 13 -10.37 -23.30 9.95
CA TYR A 13 -10.78 -21.93 10.20
C TYR A 13 -12.27 -21.79 9.94
N ASP A 14 -12.90 -20.89 10.68
CA ASP A 14 -14.24 -20.42 10.38
C ASP A 14 -14.15 -18.97 9.92
N THR A 15 -14.90 -18.63 8.87
CA THR A 15 -14.87 -17.28 8.33
C THR A 15 -16.08 -16.47 8.80
N GLY A 16 -15.91 -15.16 8.78
CA GLY A 16 -16.97 -14.25 9.17
C GLY A 16 -17.15 -13.08 8.22
N GLU A 17 -17.17 -11.87 8.79
CA GLU A 17 -17.38 -10.65 8.04
C GLU A 17 -16.34 -10.49 6.94
N GLU A 18 -16.79 -10.00 5.79
CA GLU A 18 -15.89 -9.70 4.70
C GLU A 18 -15.22 -8.35 4.93
N LEU A 19 -13.90 -8.30 4.68
CA LEU A 19 -13.12 -7.08 4.93
C LEU A 19 -12.79 -6.30 3.68
N GLY A 20 -12.93 -6.90 2.51
CA GLY A 20 -12.61 -6.21 1.28
C GLY A 20 -12.65 -7.17 0.12
N SER A 21 -12.97 -6.69 -1.08
CA SER A 21 -12.92 -7.53 -2.25
C SER A 21 -12.44 -6.71 -3.43
N GLY A 22 -11.60 -7.31 -4.26
CA GLY A 22 -11.02 -6.61 -5.38
C GLY A 22 -11.18 -7.41 -6.66
N GLN A 23 -10.27 -7.13 -7.60
CA GLN A 23 -10.34 -7.74 -8.93
C GLN A 23 -10.39 -9.26 -8.86
N PHE A 24 -9.38 -9.87 -8.23
CA PHE A 24 -9.29 -11.33 -8.18
C PHE A 24 -9.11 -11.87 -6.76
N ALA A 25 -9.51 -11.11 -5.74
CA ALA A 25 -9.29 -11.54 -4.37
C ALA A 25 -10.42 -11.03 -3.49
N VAL A 26 -10.67 -11.74 -2.41
CA VAL A 26 -11.62 -11.32 -1.39
C VAL A 26 -11.01 -11.66 -0.04
N VAL A 27 -11.19 -10.77 0.93
CA VAL A 27 -10.62 -10.94 2.27
C VAL A 27 -11.76 -11.09 3.27
N LYS A 28 -11.69 -12.13 4.09
CA LYS A 28 -12.72 -12.44 5.07
C LYS A 28 -12.08 -12.57 6.43
N LYS A 29 -12.70 -11.96 7.45
CA LYS A 29 -12.31 -12.23 8.82
C LYS A 29 -12.42 -13.74 9.07
N CYS A 30 -11.52 -14.27 9.88
CA CYS A 30 -11.59 -15.70 10.17
C CYS A 30 -11.03 -15.99 11.57
N ARG A 31 -11.28 -17.21 12.04
CA ARG A 31 -10.87 -17.64 13.36
C ARG A 31 -10.31 -19.04 13.27
N GLU A 32 -9.10 -19.25 13.79
CA GLU A 32 -8.48 -20.56 13.78
C GLU A 32 -9.13 -21.43 14.85
N LYS A 33 -9.61 -22.61 14.44
CA LYS A 33 -10.36 -23.46 15.36
C LYS A 33 -9.51 -23.91 16.54
N SER A 34 -8.22 -24.21 16.30
CA SER A 34 -7.39 -24.83 17.33
C SER A 34 -6.97 -23.86 18.42
N THR A 35 -6.93 -22.56 18.11
CA THR A 35 -6.39 -21.56 19.05
C THR A 35 -7.39 -20.46 19.42
N GLY A 36 -8.48 -20.30 18.68
CA GLY A 36 -9.38 -19.17 18.82
C GLY A 36 -8.82 -17.85 18.34
N LEU A 37 -7.61 -17.83 17.80
CA LEU A 37 -7.03 -16.58 17.34
C LEU A 37 -7.62 -16.17 16.00
N GLN A 38 -7.69 -14.86 15.79
CA GLN A 38 -8.39 -14.30 14.64
C GLN A 38 -7.42 -13.74 13.61
N TYR A 39 -7.77 -13.93 12.34
CA TYR A 39 -6.93 -13.58 11.21
C TYR A 39 -7.81 -13.00 10.11
N ALA A 40 -7.17 -12.63 9.00
CA ALA A 40 -7.86 -12.24 7.79
C ALA A 40 -7.45 -13.21 6.69
N ALA A 41 -8.43 -13.88 6.09
CA ALA A 41 -8.15 -14.87 5.04
C ALA A 41 -8.33 -14.19 3.69
N LYS A 42 -7.24 -14.12 2.90
CA LYS A 42 -7.29 -13.50 1.57
C LYS A 42 -7.33 -14.62 0.54
N PHE A 43 -8.47 -14.76 -0.14
CA PHE A 43 -8.65 -15.78 -1.17
C PHE A 43 -8.29 -15.17 -2.52
N ILE A 44 -7.24 -15.68 -3.15
CA ILE A 44 -6.77 -15.19 -4.45
C ILE A 44 -7.15 -16.20 -5.52
N LYS A 45 -7.91 -15.77 -6.53
CA LYS A 45 -8.33 -16.67 -7.58
C LYS A 45 -7.15 -17.00 -8.49
N LYS A 46 -6.91 -18.30 -8.70
CA LYS A 46 -5.83 -18.75 -9.55
C LYS A 46 -6.22 -18.64 -11.01
N ARG A 47 -5.22 -18.46 -11.87
CA ARG A 47 -5.42 -18.56 -13.30
C ARG A 47 -5.65 -20.02 -13.68
N ARG A 48 -6.60 -20.25 -14.58
CA ARG A 48 -6.95 -21.63 -14.92
C ARG A 48 -6.38 -22.10 -16.25
N THR A 49 -5.81 -21.21 -17.06
CA THR A 49 -5.03 -21.61 -18.23
C THR A 49 -3.79 -20.75 -18.32
N LYS A 50 -2.81 -21.22 -19.08
CA LYS A 50 -1.55 -20.49 -19.24
C LYS A 50 -1.78 -19.08 -19.75
N SER A 51 -2.66 -18.92 -20.74
CA SER A 51 -2.82 -17.68 -21.47
C SER A 51 -4.09 -16.93 -21.08
N SER A 52 -4.63 -17.18 -19.91
CA SER A 52 -5.83 -16.46 -19.51
C SER A 52 -5.49 -15.12 -18.89
N ARG A 53 -6.45 -14.20 -18.94
CA ARG A 53 -6.37 -12.92 -18.28
C ARG A 53 -7.12 -12.88 -16.96
N ARG A 54 -7.92 -13.90 -16.66
CA ARG A 54 -8.64 -14.00 -15.41
C ARG A 54 -7.77 -14.71 -14.38
N GLY A 55 -7.97 -14.35 -13.11
CA GLY A 55 -7.18 -14.94 -12.04
C GLY A 55 -5.76 -14.41 -12.01
N VAL A 56 -5.00 -14.83 -11.01
CA VAL A 56 -3.64 -14.34 -10.78
C VAL A 56 -2.68 -15.46 -11.12
N SER A 57 -1.63 -15.13 -11.88
CA SER A 57 -0.65 -16.14 -12.25
C SER A 57 0.05 -16.68 -11.02
N ARG A 58 0.45 -17.94 -11.09
CA ARG A 58 1.14 -18.51 -9.93
C ARG A 58 2.43 -17.79 -9.63
N GLU A 59 3.13 -17.30 -10.66
CA GLU A 59 4.34 -16.53 -10.41
C GLU A 59 4.04 -15.31 -9.57
N ASP A 60 2.94 -14.61 -9.87
CA ASP A 60 2.56 -13.43 -9.12
C ASP A 60 2.17 -13.79 -7.68
N ILE A 61 1.41 -14.88 -7.51
CA ILE A 61 1.04 -15.31 -6.16
C ILE A 61 2.28 -15.69 -5.36
N GLU A 62 3.18 -16.46 -5.97
CA GLU A 62 4.37 -16.88 -5.23
C GLU A 62 5.24 -15.70 -4.84
N ARG A 63 5.29 -14.67 -5.67
CA ARG A 63 6.10 -13.51 -5.30
C ARG A 63 5.51 -12.80 -4.09
N GLU A 64 4.18 -12.62 -4.07
CA GLU A 64 3.53 -11.99 -2.93
C GLU A 64 3.76 -12.79 -1.65
N VAL A 65 3.59 -14.11 -1.74
CA VAL A 65 3.83 -14.97 -0.58
C VAL A 65 5.28 -14.85 -0.11
N SER A 66 6.22 -14.87 -1.05
CA SER A 66 7.63 -14.84 -0.68
C SER A 66 7.98 -13.54 0.04
N ILE A 67 7.42 -12.42 -0.42
CA ILE A 67 7.67 -11.13 0.22
C ILE A 67 7.05 -11.11 1.62
N LEU A 68 5.79 -11.53 1.72
CA LEU A 68 5.12 -11.57 3.02
C LEU A 68 5.89 -12.44 4.01
N LYS A 69 6.46 -13.55 3.55
CA LYS A 69 7.18 -14.42 4.47
C LYS A 69 8.42 -13.76 5.07
N GLU A 70 8.99 -12.74 4.41
CA GLU A 70 10.21 -12.12 4.90
C GLU A 70 9.93 -11.06 5.97
N ILE A 71 8.75 -10.47 5.97
CA ILE A 71 8.56 -9.21 6.69
C ILE A 71 8.02 -9.46 8.09
N GLN A 72 8.56 -8.74 9.06
CA GLN A 72 8.02 -8.74 10.42
C GLN A 72 8.35 -7.36 11.00
N HIS A 73 7.32 -6.51 11.07
CA HIS A 73 7.50 -5.15 11.54
C HIS A 73 6.15 -4.65 12.02
N PRO A 74 6.11 -3.81 13.06
CA PRO A 74 4.82 -3.36 13.59
C PRO A 74 3.92 -2.65 12.59
N ASN A 75 4.47 -2.06 11.53
CA ASN A 75 3.67 -1.29 10.60
C ASN A 75 3.40 -2.04 9.30
N VAL A 76 3.64 -3.34 9.28
CA VAL A 76 3.37 -4.15 8.10
C VAL A 76 2.62 -5.39 8.54
N ILE A 77 1.72 -5.86 7.68
CA ILE A 77 0.97 -7.06 7.97
C ILE A 77 1.90 -8.28 7.97
N THR A 78 1.60 -9.24 8.82
CA THR A 78 2.36 -10.48 8.87
C THR A 78 1.55 -11.64 8.30
N LEU A 79 2.25 -12.61 7.74
CA LEU A 79 1.60 -13.79 7.16
C LEU A 79 1.67 -14.92 8.18
N HIS A 80 0.52 -15.58 8.40
CA HIS A 80 0.43 -16.69 9.34
C HIS A 80 0.57 -18.04 8.65
N GLU A 81 -0.16 -18.29 7.56
CA GLU A 81 -0.21 -19.59 6.89
C GLU A 81 -0.67 -19.38 5.46
N VAL A 82 -0.40 -20.36 4.59
CA VAL A 82 -0.92 -20.32 3.22
C VAL A 82 -1.52 -21.68 2.88
N TYR A 83 -2.75 -21.68 2.38
CA TYR A 83 -3.42 -22.87 1.86
C TYR A 83 -3.67 -22.71 0.36
N GLU A 84 -3.98 -23.81 -0.31
CA GLU A 84 -4.39 -23.70 -1.70
C GLU A 84 -5.30 -24.85 -2.06
N ASN A 85 -6.14 -24.61 -3.06
CA ASN A 85 -6.88 -25.68 -3.71
C ASN A 85 -6.87 -25.39 -5.21
N LYS A 86 -7.69 -26.12 -5.97
CA LYS A 86 -7.65 -25.97 -7.42
C LYS A 86 -8.01 -24.56 -7.87
N THR A 87 -8.86 -23.87 -7.11
CA THR A 87 -9.38 -22.57 -7.54
C THR A 87 -8.68 -21.37 -6.90
N ASP A 88 -8.13 -21.53 -5.69
CA ASP A 88 -7.65 -20.37 -4.95
C ASP A 88 -6.39 -20.68 -4.19
N VAL A 89 -5.58 -19.64 -3.95
CA VAL A 89 -4.61 -19.62 -2.87
C VAL A 89 -5.20 -18.78 -1.77
N ILE A 90 -5.09 -19.25 -0.53
CA ILE A 90 -5.70 -18.59 0.62
C ILE A 90 -4.58 -18.23 1.59
N LEU A 91 -4.30 -16.92 1.72
CA LEU A 91 -3.31 -16.45 2.68
C LEU A 91 -4.02 -16.14 3.99
N ILE A 92 -3.52 -16.71 5.08
CA ILE A 92 -4.02 -16.39 6.40
C ILE A 92 -3.13 -15.27 6.93
N LEU A 93 -3.67 -14.05 6.99
CA LEU A 93 -2.92 -12.84 7.30
C LEU A 93 -3.29 -12.31 8.68
N GLU A 94 -2.37 -11.53 9.25
CA GLU A 94 -2.68 -10.80 10.48
C GLU A 94 -3.95 -9.98 10.28
N LEU A 95 -4.80 -9.98 11.31
CA LEU A 95 -6.08 -9.27 11.25
C LEU A 95 -5.89 -7.83 11.70
N VAL A 96 -6.24 -6.89 10.83
CA VAL A 96 -6.21 -5.48 11.14
C VAL A 96 -7.63 -4.98 10.90
N ALA A 97 -8.31 -4.58 11.98
CA ALA A 97 -9.76 -4.48 11.96
C ALA A 97 -10.30 -3.08 12.21
N GLY A 98 -9.43 -2.07 12.29
CA GLY A 98 -9.88 -0.70 12.45
C GLY A 98 -10.28 0.02 11.18
N GLY A 99 -10.28 -0.65 10.04
CA GLY A 99 -10.73 -0.05 8.80
C GLY A 99 -9.64 0.74 8.10
N GLU A 100 -9.98 1.17 6.89
CA GLU A 100 -9.02 1.88 6.06
C GLU A 100 -8.75 3.28 6.60
N LEU A 101 -7.52 3.74 6.41
CA LEU A 101 -7.22 5.14 6.57
C LEU A 101 -8.15 5.97 5.67
N PHE A 102 -8.49 5.41 4.50
CA PHE A 102 -9.36 6.10 3.55
C PHE A 102 -10.73 6.40 4.16
N ASP A 103 -11.31 5.42 4.85
CA ASP A 103 -12.60 5.65 5.51
C ASP A 103 -12.44 6.58 6.71
N PHE A 104 -11.35 6.43 7.46
CA PHE A 104 -11.06 7.37 8.54
C PHE A 104 -10.91 8.78 8.01
N LEU A 105 -10.31 8.93 6.83
CA LEU A 105 -10.11 10.26 6.24
C LEU A 105 -11.43 10.91 5.87
N ALA A 106 -12.38 10.13 5.34
CA ALA A 106 -13.66 10.68 4.95
C ALA A 106 -14.45 11.23 6.14
N GLU A 107 -14.17 10.72 7.34
CA GLU A 107 -14.91 11.16 8.52
C GLU A 107 -14.45 12.52 9.01
N LYS A 108 -13.15 12.80 8.97
CA LYS A 108 -12.61 14.07 9.45
C LYS A 108 -12.97 15.21 8.50
N SER A 110 -10.16 16.10 6.52
CA SER A 110 -8.88 16.80 6.60
C SER A 110 -8.28 16.74 8.01
N LEU A 111 -7.00 16.37 8.09
CA LEU A 111 -6.29 16.22 9.36
C LEU A 111 -5.43 17.45 9.65
N THR A 112 -5.17 17.68 10.94
CA THR A 112 -4.14 18.64 11.33
C THR A 112 -2.77 18.09 10.93
N GLU A 113 -1.74 18.96 10.98
CA GLU A 113 -0.40 18.49 10.65
C GLU A 113 0.10 17.48 11.66
N GLU A 114 -0.23 17.65 12.94
CA GLU A 114 0.13 16.64 13.92
C GLU A 114 -0.54 15.30 13.63
N GLU A 115 -1.85 15.32 13.36
CA GLU A 115 -2.54 14.08 13.06
C GLU A 115 -2.00 13.45 11.79
N ALA A 116 -1.71 14.28 10.78
CA ALA A 116 -1.12 13.75 9.56
C ALA A 116 0.25 13.14 9.83
N THR A 117 1.14 13.86 10.53
CA THR A 117 2.48 13.35 10.75
C THR A 117 2.49 12.13 11.65
N GLU A 118 1.51 11.99 12.54
CA GLU A 118 1.44 10.80 13.37
C GLU A 118 1.15 9.56 12.53
N PHE A 119 0.24 9.68 11.57
CA PHE A 119 0.04 8.60 10.61
C PHE A 119 1.25 8.47 9.72
N LEU A 120 1.71 9.59 9.18
CA LEU A 120 2.77 9.54 8.18
C LEU A 120 4.04 8.92 8.75
N LYS A 121 4.40 9.25 10.00
CA LYS A 121 5.61 8.67 10.57
C LYS A 121 5.54 7.15 10.63
N GLN A 122 4.36 6.61 10.93
CA GLN A 122 4.22 5.16 10.93
C GLN A 122 4.36 4.60 9.52
N ILE A 123 3.77 5.27 8.53
CA ILE A 123 3.96 4.84 7.15
C ILE A 123 5.44 4.87 6.79
N LEU A 124 6.12 5.97 7.13
CA LEU A 124 7.54 6.07 6.78
C LEU A 124 8.36 4.98 7.47
N ASN A 125 8.04 4.65 8.72
CA ASN A 125 8.76 3.60 9.42
C ASN A 125 8.56 2.25 8.75
N GLY A 126 7.33 1.95 8.33
CA GLY A 126 7.08 0.70 7.63
C GLY A 126 7.80 0.65 6.29
N VAL A 127 7.75 1.76 5.53
CA VAL A 127 8.44 1.80 4.26
C VAL A 127 9.95 1.78 4.43
N TYR A 128 10.47 2.41 5.49
CA TYR A 128 11.90 2.32 5.76
C TYR A 128 12.34 0.87 5.96
N TYR A 129 11.55 0.10 6.72
CA TYR A 129 11.81 -1.32 6.89
C TYR A 129 11.80 -2.05 5.55
N LEU A 130 10.76 -1.83 4.73
CA LEU A 130 10.66 -2.50 3.45
C LEU A 130 11.82 -2.14 2.53
N HIS A 131 12.08 -0.84 2.37
CA HIS A 131 13.15 -0.40 1.48
C HIS A 131 14.51 -0.88 1.98
N SER A 132 14.69 -0.98 3.30
CA SER A 132 15.92 -1.56 3.83
C SER A 132 16.12 -2.99 3.37
N LEU A 133 15.02 -3.73 3.16
CA LEU A 133 15.05 -5.08 2.61
C LEU A 133 15.00 -5.09 1.09
N GLN A 134 15.15 -3.93 0.44
CA GLN A 134 15.05 -3.79 -1.02
C GLN A 134 13.69 -4.25 -1.55
N ILE A 135 12.61 -4.05 -0.79
CA ILE A 135 11.26 -4.37 -1.22
C ILE A 135 10.56 -3.08 -1.59
N ALA A 136 10.15 -2.95 -2.85
CA ALA A 136 9.26 -1.89 -3.28
C ALA A 136 7.83 -2.37 -3.16
N HIS A 137 6.97 -1.56 -2.55
CA HIS A 137 5.57 -1.96 -2.37
C HIS A 137 4.79 -1.80 -3.67
N PHE A 138 4.98 -0.69 -4.37
CA PHE A 138 4.39 -0.39 -5.67
C PHE A 138 2.87 -0.16 -5.65
N ASP A 139 2.23 -0.15 -4.47
CA ASP A 139 0.79 0.06 -4.42
C ASP A 139 0.39 0.85 -3.18
N LEU A 140 1.23 1.80 -2.74
CA LEU A 140 0.89 2.56 -1.55
C LEU A 140 -0.22 3.56 -1.86
N LYS A 141 -1.28 3.51 -1.06
CA LYS A 141 -2.44 4.39 -1.21
C LYS A 141 -3.30 4.21 0.03
N PRO A 142 -4.18 5.17 0.34
CA PRO A 142 -4.98 5.06 1.59
C PRO A 142 -5.74 3.75 1.72
N GLU A 143 -6.21 3.17 0.61
CA GLU A 143 -6.91 1.89 0.65
C GLU A 143 -6.05 0.77 1.26
N ASN A 144 -4.72 0.86 1.10
CA ASN A 144 -3.82 -0.19 1.58
C ASN A 144 -3.19 0.15 2.94
N ILE A 145 -3.71 1.14 3.65
CA ILE A 145 -3.26 1.46 4.99
C ILE A 145 -4.46 1.26 5.91
N MET A 146 -4.34 0.34 6.86
CA MET A 146 -5.45 -0.01 7.75
C MET A 146 -5.06 0.29 9.19
N LEU A 147 -6.06 0.69 9.99
CA LEU A 147 -5.83 1.02 11.39
C LEU A 147 -6.06 -0.20 12.26
N LEU A 148 -5.31 -0.29 13.37
CA LEU A 148 -5.56 -1.35 14.34
C LEU A 148 -6.78 -1.04 15.20
N ASP A 149 -6.91 0.21 15.67
CA ASP A 149 -8.07 0.64 16.44
C ASP A 149 -8.36 2.08 16.05
N ARG A 150 -9.54 2.30 15.45
CA ARG A 150 -9.88 3.63 14.97
C ARG A 150 -10.49 4.52 16.04
N ASN A 151 -10.55 4.07 17.29
CA ASN A 151 -11.17 4.82 18.37
C ASN A 151 -10.16 5.32 19.42
N VAL A 152 -8.91 5.52 19.01
CA VAL A 152 -7.90 6.15 19.87
C VAL A 152 -7.46 7.43 19.18
N PRO A 153 -6.94 8.40 19.93
CA PRO A 153 -6.59 9.69 19.30
C PRO A 153 -5.45 9.59 18.29
N LYS A 154 -4.54 8.63 18.45
CA LYS A 154 -3.42 8.40 17.54
C LYS A 154 -3.42 6.93 17.15
N PRO A 155 -4.27 6.55 16.19
CA PRO A 155 -4.38 5.13 15.83
C PRO A 155 -3.10 4.59 15.20
N ARG A 156 -2.82 3.32 15.46
CA ARG A 156 -1.68 2.63 14.86
C ARG A 156 -2.09 2.03 13.53
N ILE A 157 -1.16 2.04 12.57
CA ILE A 157 -1.52 1.60 11.23
C ILE A 157 -0.63 0.46 10.76
N LYS A 158 -1.14 -0.27 9.78
CA LYS A 158 -0.38 -1.32 9.13
C LYS A 158 -0.57 -1.24 7.62
N ILE A 159 0.52 -1.42 6.89
CA ILE A 159 0.46 -1.51 5.43
C ILE A 159 0.01 -2.91 5.05
N ILE A 160 -0.98 -2.98 4.16
CA ILE A 160 -1.46 -4.27 3.66
C ILE A 160 -1.25 -4.37 2.16
N ASP A 161 -1.68 -5.51 1.61
CA ASP A 161 -1.78 -5.73 0.17
C ASP A 161 -0.42 -5.66 -0.51
N PHE A 162 0.35 -6.73 -0.36
CA PHE A 162 1.63 -6.84 -1.01
C PHE A 162 1.53 -7.46 -2.40
N GLY A 163 0.38 -7.30 -3.05
CA GLY A 163 0.11 -7.95 -4.32
C GLY A 163 0.92 -7.42 -5.50
N LEU A 164 1.43 -6.19 -5.42
CA LEU A 164 2.29 -5.65 -6.46
C LEU A 164 3.75 -5.52 -6.03
N ALA A 165 4.07 -5.92 -4.80
CA ALA A 165 5.42 -5.69 -4.25
C ALA A 165 6.46 -6.53 -4.98
N HIS A 166 7.67 -5.97 -5.14
CA HIS A 166 8.77 -6.67 -5.79
C HIS A 166 10.07 -6.43 -5.01
N LYS A 167 10.93 -7.45 -5.02
CA LYS A 167 12.31 -7.27 -4.59
C LYS A 167 13.05 -6.49 -5.67
N ILE A 168 13.86 -5.52 -5.23
CA ILE A 168 14.62 -4.70 -6.17
C ILE A 168 16.08 -4.97 -5.89
N ASP A 169 16.59 -6.11 -6.37
CA ASP A 169 17.96 -6.49 -6.06
C ASP A 169 18.99 -5.90 -7.04
N PHE A 170 18.53 -5.29 -8.13
CA PHE A 170 19.40 -4.66 -9.12
C PHE A 170 19.11 -3.17 -9.25
N GLY A 171 18.55 -2.54 -8.21
CA GLY A 171 18.29 -1.11 -8.28
C GLY A 171 17.00 -0.76 -9.01
N ASN A 172 16.60 -1.57 -9.99
CA ASN A 172 15.36 -1.31 -10.69
C ASN A 172 14.80 -2.62 -11.25
N GLU A 173 13.49 -2.62 -11.49
CA GLU A 173 12.80 -3.73 -12.14
C GLU A 173 12.04 -3.20 -13.34
N PHE A 174 12.05 -3.95 -14.44
CA PHE A 174 11.40 -3.53 -15.67
C PHE A 174 10.19 -4.43 -15.85
N LYS A 175 9.06 -4.03 -15.25
CA LYS A 175 7.79 -4.71 -15.40
C LYS A 175 6.70 -3.64 -15.39
N ASN A 176 5.54 -4.00 -15.91
CA ASN A 176 4.38 -3.11 -15.83
C ASN A 176 3.77 -3.22 -14.44
N ILE A 177 3.45 -2.07 -13.84
CA ILE A 177 2.74 -2.03 -12.56
C ILE A 177 1.42 -1.34 -12.82
N PHE A 178 0.34 -2.10 -12.84
CA PHE A 178 -0.97 -1.50 -13.03
C PHE A 178 -1.56 -1.15 -11.67
N GLY A 179 -0.99 -0.10 -11.08
CA GLY A 179 -1.51 0.49 -9.86
C GLY A 179 -2.60 1.50 -10.15
N THR A 180 -3.00 2.22 -9.11
CA THR A 180 -4.12 3.15 -9.20
C THR A 180 -3.61 4.48 -9.73
N PRO A 181 -4.18 5.00 -10.83
CA PRO A 181 -3.61 6.21 -11.46
C PRO A 181 -3.31 7.36 -10.53
N GLU A 182 -4.18 7.62 -9.55
CA GLU A 182 -3.99 8.78 -8.69
C GLU A 182 -2.72 8.70 -7.87
N PHE A 183 -2.17 7.49 -7.70
CA PHE A 183 -1.07 7.29 -6.76
C PHE A 183 0.23 6.81 -7.40
N VAL A 184 0.23 6.47 -8.68
CA VAL A 184 1.44 5.93 -9.29
C VAL A 184 2.36 7.05 -9.72
N ALA A 185 3.66 6.75 -9.72
CA ALA A 185 4.70 7.73 -10.06
C ALA A 185 4.82 7.85 -11.59
N PRO A 186 5.40 8.95 -12.06
CA PRO A 186 5.55 9.12 -13.52
C PRO A 186 6.26 7.94 -14.20
N GLU A 187 7.24 7.33 -13.55
CA GLU A 187 7.94 6.22 -14.22
C GLU A 187 7.01 5.03 -14.44
N ILE A 188 6.00 4.85 -13.59
CA ILE A 188 5.02 3.79 -13.81
C ILE A 188 4.13 4.16 -14.99
N VAL A 189 3.68 5.42 -15.01
CA VAL A 189 2.84 5.91 -16.11
C VAL A 189 3.54 5.75 -17.44
N ASN A 190 4.85 5.99 -17.47
CA ASN A 190 5.64 5.98 -18.69
C ASN A 190 6.30 4.64 -18.98
N TYR A 191 5.99 3.61 -18.18
CA TYR A 191 6.52 2.26 -18.43
C TYR A 191 8.04 2.22 -18.41
N GLU A 192 8.62 2.94 -17.48
CA GLU A 192 10.06 3.01 -17.33
C GLU A 192 10.52 2.04 -16.24
N PRO A 193 11.82 1.80 -16.13
CA PRO A 193 12.31 0.95 -15.04
C PRO A 193 11.91 1.56 -13.70
N LEU A 194 11.61 0.68 -12.75
CA LEU A 194 10.98 1.08 -11.49
C LEU A 194 11.85 0.64 -10.33
N GLY A 195 11.91 1.50 -9.31
CA GLY A 195 12.63 1.10 -8.11
C GLY A 195 11.92 1.58 -6.86
N LEU A 196 12.67 1.66 -5.76
CA LEU A 196 12.10 2.12 -4.49
C LEU A 196 11.56 3.54 -4.59
N GLU A 197 12.04 4.32 -5.56
CA GLU A 197 11.64 5.73 -5.64
C GLU A 197 10.15 5.88 -5.92
N ALA A 198 9.55 4.91 -6.61
CA ALA A 198 8.14 5.03 -6.95
C ALA A 198 7.29 5.10 -5.68
N ASP A 199 7.69 4.37 -4.64
CA ASP A 199 6.96 4.43 -3.37
C ASP A 199 7.05 5.81 -2.74
N MET A 200 8.18 6.49 -2.94
CA MET A 200 8.33 7.80 -2.31
C MET A 200 7.40 8.82 -2.95
N TRP A 201 7.21 8.73 -4.27
CA TRP A 201 6.20 9.55 -4.92
C TRP A 201 4.82 9.28 -4.32
N SER A 202 4.44 8.01 -4.17
CA SER A 202 3.13 7.68 -3.61
C SER A 202 2.95 8.27 -2.24
N ILE A 203 4.01 8.24 -1.42
CA ILE A 203 3.94 8.86 -0.09
C ILE A 203 3.68 10.37 -0.21
N GLY A 204 4.28 11.03 -1.20
CA GLY A 204 3.98 12.44 -1.43
C GLY A 204 2.52 12.69 -1.74
N VAL A 205 1.92 11.82 -2.56
CA VAL A 205 0.50 11.93 -2.86
C VAL A 205 -0.34 11.72 -1.61
N ILE A 206 -0.01 10.66 -0.85
CA ILE A 206 -0.74 10.39 0.40
C ILE A 206 -0.66 11.58 1.35
N THR A 207 0.53 12.18 1.47
CA THR A 207 0.69 13.31 2.38
C THR A 207 -0.18 14.49 1.96
N TYR A 208 -0.21 14.78 0.64
CA TYR A 208 -1.04 15.85 0.12
C TYR A 208 -2.51 15.62 0.49
N ILE A 209 -3.00 14.39 0.33
CA ILE A 209 -4.39 14.07 0.66
C ILE A 209 -4.65 14.18 2.16
N LEU A 210 -3.70 13.70 2.98
CA LEU A 210 -3.87 13.75 4.43
C LEU A 210 -4.06 15.17 4.91
N LEU A 211 -3.32 16.12 4.32
CA LEU A 211 -3.32 17.49 4.79
C LEU A 211 -4.50 18.31 4.25
N SER A 212 -5.05 17.93 3.10
CA SER A 212 -6.00 18.77 2.39
C SER A 212 -7.34 18.13 2.13
N GLY A 213 -7.43 16.79 2.13
CA GLY A 213 -8.61 16.10 1.68
C GLY A 213 -8.80 16.04 0.18
N ALA A 214 -7.82 16.51 -0.59
CA ALA A 214 -7.93 16.60 -2.04
C ALA A 214 -6.81 15.81 -2.68
N SER A 215 -7.08 15.26 -3.87
CA SER A 215 -6.13 14.42 -4.60
C SER A 215 -5.37 15.28 -5.60
N PRO A 216 -4.02 15.30 -5.56
CA PRO A 216 -3.28 16.32 -6.31
C PRO A 216 -3.34 16.19 -7.83
N PHE A 217 -3.47 14.97 -8.36
CA PHE A 217 -3.43 14.75 -9.81
C PHE A 217 -4.75 14.28 -10.39
N LEU A 218 -5.79 14.16 -9.57
CA LEU A 218 -7.01 13.48 -9.99
C LEU A 218 -7.70 14.26 -11.11
N GLY A 219 -7.91 13.59 -12.24
CA GLY A 219 -8.68 14.15 -13.32
C GLY A 219 -10.06 13.53 -13.40
N ASP A 220 -10.80 13.92 -14.45
CA ASP A 220 -12.14 13.39 -14.67
C ASP A 220 -12.13 11.99 -15.26
N THR A 221 -11.02 11.57 -15.87
CA THR A 221 -10.89 10.22 -16.41
C THR A 221 -9.54 9.67 -16.01
N LYS A 222 -9.38 8.36 -16.13
CA LYS A 222 -8.08 7.78 -15.76
C LYS A 222 -6.97 8.30 -16.66
N GLN A 223 -7.26 8.53 -17.95
CA GLN A 223 -6.21 9.04 -18.83
C GLN A 223 -5.79 10.44 -18.45
N GLU A 224 -6.73 11.29 -18.03
CA GLU A 224 -6.37 12.61 -17.53
C GLU A 224 -5.47 12.51 -16.30
N THR A 225 -5.84 11.66 -15.35
CA THR A 225 -5.02 11.50 -14.14
C THR A 225 -3.60 11.09 -14.50
N LEU A 226 -3.47 10.10 -15.39
CA LEU A 226 -2.15 9.63 -15.78
C LEU A 226 -1.37 10.73 -16.51
N ALA A 227 -2.05 11.50 -17.37
CA ALA A 227 -1.37 12.60 -18.04
C ALA A 227 -0.92 13.66 -17.05
N ASN A 228 -1.73 13.93 -16.04
CA ASN A 228 -1.35 14.91 -15.00
C ASN A 228 -0.15 14.42 -14.21
N VAL A 229 -0.13 13.14 -13.86
CA VAL A 229 1.01 12.58 -13.14
C VAL A 229 2.28 12.74 -13.95
N SER A 230 2.24 12.37 -15.23
CA SER A 230 3.47 12.42 -16.03
C SER A 230 4.00 13.83 -16.17
N ALA A 231 3.10 14.82 -16.26
CA ALA A 231 3.49 16.21 -16.40
C ALA A 231 3.78 16.89 -15.06
N VAL A 232 3.61 16.17 -13.94
CA VAL A 232 3.69 16.76 -12.60
C VAL A 232 2.77 17.97 -12.51
N ASN A 233 1.53 17.78 -12.95
CA ASN A 233 0.53 18.84 -13.01
C ASN A 233 -0.24 18.82 -11.69
N TYR A 234 0.35 19.44 -10.67
CA TYR A 234 -0.34 19.66 -9.40
C TYR A 234 0.11 20.99 -8.81
N GLU A 235 -0.71 21.51 -7.90
CA GLU A 235 -0.38 22.73 -7.16
C GLU A 235 -1.08 22.68 -5.80
N PHE A 236 -0.62 23.53 -4.90
CA PHE A 236 -1.24 23.62 -3.57
C PHE A 236 -2.35 24.67 -3.61
N GLU A 237 -3.60 24.24 -3.60
CA GLU A 237 -4.70 25.19 -3.63
C GLU A 237 -4.77 25.93 -2.30
N ASP A 238 -4.74 27.26 -2.37
CA ASP A 238 -4.82 28.07 -1.15
C ASP A 238 -6.06 27.74 -0.33
N GLU A 239 -7.18 27.43 -0.99
CA GLU A 239 -8.39 27.14 -0.24
C GLU A 239 -8.20 25.96 0.70
N TYR A 240 -7.34 25.01 0.32
CA TYR A 240 -7.08 23.82 1.11
C TYR A 240 -5.82 23.91 1.97
N PHE A 241 -4.84 24.70 1.56
CA PHE A 241 -3.53 24.72 2.21
C PHE A 241 -3.20 26.03 2.91
N SER A 242 -4.18 26.94 3.08
CA SER A 242 -3.86 28.28 3.56
C SER A 242 -3.31 28.28 4.98
N ASN A 243 -3.65 27.29 5.79
CA ASN A 243 -3.08 27.20 7.14
C ASN A 243 -2.14 26.02 7.29
N THR A 244 -1.65 25.46 6.19
CA THR A 244 -0.66 24.41 6.21
C THR A 244 0.72 25.04 6.17
N SER A 245 1.66 24.49 6.93
CA SER A 245 2.96 25.13 7.04
C SER A 245 3.74 24.99 5.74
N ALA A 246 4.66 25.95 5.52
CA ALA A 246 5.48 25.88 4.32
C ALA A 246 6.39 24.66 4.35
N LEU A 247 6.81 24.22 5.54
CA LEU A 247 7.67 23.04 5.64
C LEU A 247 6.92 21.78 5.22
N ALA A 248 5.63 21.68 5.56
CA ALA A 248 4.82 20.56 5.06
C ALA A 248 4.75 20.56 3.54
N LYS A 249 4.51 21.74 2.94
CA LYS A 249 4.52 21.84 1.49
C LYS A 249 5.89 21.49 0.92
N ASP A 250 6.96 21.84 1.62
CA ASP A 250 8.31 21.53 1.13
C ASP A 250 8.55 20.02 1.10
N PHE A 251 8.10 19.32 2.14
CA PHE A 251 8.18 17.86 2.18
C PHE A 251 7.50 17.25 0.96
N ILE A 252 6.25 17.67 0.68
CA ILE A 252 5.54 17.16 -0.48
C ILE A 252 6.28 17.50 -1.77
N ARG A 253 6.72 18.76 -1.90
CA ARG A 253 7.37 19.19 -3.12
C ARG A 253 8.59 18.36 -3.45
N ARG A 254 9.33 17.90 -2.43
CA ARG A 254 10.53 17.12 -2.66
C ARG A 254 10.24 15.65 -2.93
N LEU A 255 8.98 15.24 -2.79
CA LEU A 255 8.59 13.88 -3.16
C LEU A 255 7.93 13.82 -4.53
N LEU A 256 7.14 14.83 -4.89
CA LEU A 256 6.45 14.87 -6.18
C LEU A 256 7.36 15.46 -7.26
N VAL A 257 8.45 14.73 -7.52
CA VAL A 257 9.53 15.11 -8.42
C VAL A 257 9.59 14.06 -9.52
N LYS A 258 9.52 14.50 -10.78
CA LYS A 258 9.48 13.55 -11.90
C LYS A 258 10.72 12.66 -11.95
N ASP A 259 11.90 13.25 -11.87
CA ASP A 259 13.14 12.49 -11.97
C ASP A 259 13.34 11.65 -10.72
N PRO A 260 13.29 10.32 -10.79
CA PRO A 260 13.38 9.51 -9.57
C PRO A 260 14.66 9.74 -8.80
N LYS A 261 15.74 10.08 -9.51
CA LYS A 261 17.02 10.28 -8.86
C LYS A 261 17.08 11.55 -8.02
N LYS A 262 16.23 12.53 -8.32
CA LYS A 262 16.19 13.77 -7.54
C LYS A 262 15.17 13.73 -6.42
N ARG A 263 14.31 12.72 -6.39
CA ARG A 263 13.27 12.59 -5.39
C ARG A 263 13.88 12.20 -4.04
N MET A 264 13.26 12.67 -2.94
CA MET A 264 13.73 12.23 -1.63
C MET A 264 13.62 10.71 -1.51
N THR A 265 14.63 10.09 -0.91
CA THR A 265 14.56 8.69 -0.52
C THR A 265 13.83 8.56 0.82
N ILE A 266 13.61 7.32 1.25
CA ILE A 266 12.97 7.11 2.55
C ILE A 266 13.85 7.67 3.67
N GLN A 267 15.17 7.47 3.57
CA GLN A 267 16.05 8.07 4.57
C GLN A 267 15.99 9.59 4.53
N ASP A 268 15.98 10.18 3.33
CA ASP A 268 15.81 11.64 3.22
C ASP A 268 14.54 12.08 3.91
N SER A 269 13.44 11.32 3.73
CA SER A 269 12.16 11.77 4.25
C SER A 269 12.14 11.76 5.77
N LEU A 270 12.85 10.81 6.39
CA LEU A 270 12.94 10.74 7.85
C LEU A 270 13.83 11.83 8.44
N GLN A 271 14.78 12.35 7.67
CA GLN A 271 15.63 13.44 8.12
C GLN A 271 15.10 14.82 7.75
N HIS A 272 14.04 14.88 6.94
CA HIS A 272 13.48 16.16 6.53
C HIS A 272 12.98 16.93 7.77
N PRO A 273 13.19 18.24 7.81
CA PRO A 273 12.85 19.00 9.04
C PRO A 273 11.40 18.91 9.47
N TRP A 274 10.47 18.61 8.57
CA TRP A 274 9.07 18.46 8.98
C TRP A 274 8.88 17.20 9.82
N ILE A 275 9.71 16.18 9.59
CA ILE A 275 9.56 14.87 10.23
C ILE A 275 10.55 14.68 11.38
N LYS A 276 11.82 15.07 11.16
CA LYS A 276 12.88 14.80 12.12
C LYS A 276 12.56 15.48 13.46
N PRO A 277 12.62 14.75 14.58
CA PRO A 277 12.27 15.31 15.90
C PRO A 277 13.36 16.23 16.44
C4 8KZ B . -9.11 -7.88 -1.57
C5 8KZ B . -9.06 -6.08 0.46
C6 8KZ B . -9.03 -5.16 1.52
C7 8KZ B . -8.66 -5.53 2.82
C8 8KZ B . -7.37 -6.36 2.99
C10 8KZ B . -5.94 -7.51 4.56
C13 8KZ B . -7.50 -6.64 6.69
C15 8KZ B . -9.38 -3.83 1.28
O1 8KZ B . -10.09 -2.13 -0.23
C1 8KZ B . -9.76 -3.42 0.01
C2 8KZ B . -9.79 -4.34 -1.04
C3 8KZ B . -9.45 -5.66 -0.82
O2 8KZ B . -9.51 -6.53 -1.89
C9 8KZ B . -7.05 -6.70 4.31
C11 8KZ B . -5.60 -7.88 5.86
C12 8KZ B . -6.38 -7.45 6.92
O3 8KZ B . -6.05 -7.81 8.19
C14 8KZ B . -7.83 -6.28 5.39
S SO4 C . 3.02 27.46 -3.04
O1 SO4 C . 3.15 28.84 -3.47
O2 SO4 C . 1.65 27.22 -2.57
O3 SO4 C . 3.33 26.59 -4.17
O4 SO4 C . 3.94 27.17 -1.95
S SO4 D . -0.03 2.65 -15.76
O1 SO4 D . -0.18 3.35 -17.05
O2 SO4 D . 0.44 3.59 -14.75
O3 SO4 D . 0.92 1.54 -15.93
O4 SO4 D . -1.31 2.10 -15.33
#